data_1PBF
#
_entry.id   1PBF
#
_cell.length_a   72.200
_cell.length_b   146.500
_cell.length_c   88.400
_cell.angle_alpha   90.00
_cell.angle_beta   90.00
_cell.angle_gamma   90.00
#
_symmetry.space_group_name_H-M   'C 2 2 21'
#
loop_
_entity.id
_entity.type
_entity.pdbx_description
1 polymer 'P-HYDROXYBENZOATE HYDROXYLASE'
2 non-polymer 'FLAVIN-ADENINE DINUCLEOTIDE'
3 non-polymer '2-HYDROXY-4-AMINOBENZOIC ACID'
4 water water
#
_entity_poly.entity_id   1
_entity_poly.type   'polypeptide(L)'
_entity_poly.pdbx_seq_one_letter_code
;MKTQVAIIGAGPSGLLLGQLLHKAGIDNVILERQTPDYVLGRIRAGVLEQGMVDLLREAGVDRRMARDGLVHEGVEIAFA
GQRRRIDLKRLSGGKTVTVYGQTEVTRDLMEAREASGATTVYQAAEVRLHDLQGERPYVTFERDGERLRLDCDYIAGCDG
FHGISRQSIPAERLKVFERVYPFGWLGLLADTPPVSHELIYANHPRGFALCSQRSATRSRYAVQVPLTEKVEDWSDERFW
TELKARLPAEVAEKLVTGPSLEKSIAPLRSFVVEPMQHGRLFLAGDAAHIVPPTGAKGLNLAASDVSTLYRLLLKAYREG
RGELLERYSAICLRRIWKAERFSWWMTSVLHRFPDTDAFSQRIQQTELEYYLGSEAGLATIAENYVGLPYEEIE
;
_entity_poly.pdbx_strand_id   A
#
loop_
_chem_comp.id
_chem_comp.type
_chem_comp.name
_chem_comp.formula
BHA non-polymer '2-HYDROXY-4-AMINOBENZOIC ACID' 'C7 H7 N O3'
FAD non-polymer 'FLAVIN-ADENINE DINUCLEOTIDE' 'C27 H33 N9 O15 P2'
#
# COMPACT_ATOMS: atom_id res chain seq x y z
N MET A 1 20.74 20.71 13.69
CA MET A 1 21.00 19.25 13.80
C MET A 1 21.45 18.65 12.47
N LYS A 2 22.34 17.67 12.53
CA LYS A 2 22.84 17.03 11.34
C LYS A 2 22.52 15.55 11.42
N THR A 3 22.49 14.91 10.26
CA THR A 3 22.22 13.49 10.17
C THR A 3 22.69 13.08 8.80
N GLN A 4 22.58 11.80 8.50
CA GLN A 4 23.01 11.30 7.20
C GLN A 4 21.86 11.27 6.19
N VAL A 5 20.75 10.65 6.59
CA VAL A 5 19.59 10.54 5.73
C VAL A 5 18.35 11.09 6.44
N ALA A 6 17.81 12.20 5.92
CA ALA A 6 16.61 12.80 6.50
C ALA A 6 15.40 12.13 5.83
N ILE A 7 14.47 11.67 6.65
CA ILE A 7 13.28 10.97 6.15
C ILE A 7 12.01 11.79 6.39
N ILE A 8 11.32 12.16 5.33
CA ILE A 8 10.06 12.91 5.47
C ILE A 8 8.87 11.94 5.47
N GLY A 9 8.10 11.95 6.56
CA GLY A 9 6.95 11.10 6.69
C GLY A 9 7.22 9.90 7.57
N ALA A 10 6.30 9.58 8.45
CA ALA A 10 6.47 8.45 9.36
C ALA A 10 5.49 7.33 9.08
N GLY A 11 5.08 7.21 7.80
CA GLY A 11 4.19 6.13 7.44
C GLY A 11 5.01 4.85 7.37
N PRO A 12 4.43 3.71 6.98
CA PRO A 12 5.23 2.49 6.91
C PRO A 12 6.48 2.59 6.03
N SER A 13 6.45 3.44 5.00
CA SER A 13 7.61 3.60 4.13
C SER A 13 8.75 4.13 4.98
N GLY A 14 8.55 5.31 5.57
CA GLY A 14 9.58 5.95 6.38
C GLY A 14 10.11 5.16 7.55
N LEU A 15 9.20 4.59 8.33
CA LEU A 15 9.55 3.79 9.48
C LEU A 15 10.34 2.58 9.04
N LEU A 16 9.94 1.92 7.94
CA LEU A 16 10.69 0.76 7.46
C LEU A 16 12.10 1.13 6.98
N LEU A 17 12.21 2.20 6.20
CA LEU A 17 13.51 2.65 5.70
C LEU A 17 14.37 3.05 6.87
N GLY A 18 13.79 3.85 7.76
CA GLY A 18 14.52 4.31 8.93
C GLY A 18 14.99 3.17 9.80
N GLN A 19 14.19 2.12 9.91
CA GLN A 19 14.54 0.97 10.74
C GLN A 19 15.65 0.14 10.13
N LEU A 20 15.56 -0.10 8.82
CA LEU A 20 16.56 -0.87 8.14
C LEU A 20 17.92 -0.16 8.15
N LEU A 21 17.91 1.15 7.88
CA LEU A 21 19.14 1.95 7.87
C LEU A 21 19.79 2.03 9.24
N HIS A 22 18.98 2.27 10.26
CA HIS A 22 19.48 2.36 11.61
C HIS A 22 20.25 1.09 11.95
N LYS A 23 19.65 -0.05 11.66
CA LYS A 23 20.28 -1.35 11.92
C LYS A 23 21.58 -1.56 11.15
N ALA A 24 21.79 -0.80 10.09
CA ALA A 24 22.99 -0.93 9.25
C ALA A 24 24.06 0.08 9.66
N GLY A 25 23.75 0.87 10.68
CA GLY A 25 24.69 1.88 11.13
C GLY A 25 24.43 3.25 10.56
N ILE A 26 23.66 3.34 9.47
CA ILE A 26 23.36 4.64 8.85
C ILE A 26 22.34 5.42 9.69
N ASP A 27 22.76 6.55 10.22
CA ASP A 27 21.87 7.34 11.04
C ASP A 27 20.92 8.10 10.17
N ASN A 28 19.66 8.07 10.58
CA ASN A 28 18.56 8.73 9.89
C ASN A 28 17.69 9.48 10.90
N VAL A 29 16.97 10.50 10.44
CA VAL A 29 16.06 11.30 11.28
C VAL A 29 14.72 11.31 10.56
N ILE A 30 13.64 11.07 11.28
CA ILE A 30 12.33 11.08 10.64
C ILE A 30 11.54 12.34 11.05
N LEU A 31 10.90 12.97 10.07
CA LEU A 31 10.09 14.16 10.27
C LEU A 31 8.62 13.86 9.90
N GLU A 32 7.72 13.93 10.88
CA GLU A 32 6.30 13.66 10.64
C GLU A 32 5.48 14.87 11.02
N ARG A 33 4.60 15.28 10.11
CA ARG A 33 3.72 16.42 10.31
C ARG A 33 2.66 16.17 11.39
N GLN A 34 2.13 14.94 11.46
CA GLN A 34 1.10 14.57 12.44
C GLN A 34 1.60 13.96 13.76
N THR A 35 0.67 13.47 14.57
CA THR A 35 0.98 12.82 15.83
C THR A 35 0.85 11.30 15.64
N PRO A 36 1.55 10.51 16.47
CA PRO A 36 1.51 9.04 16.41
C PRO A 36 0.10 8.44 16.40
N ASP A 37 -0.84 9.08 17.12
CA ASP A 37 -2.22 8.59 17.18
C ASP A 37 -2.87 8.75 15.81
N TYR A 38 -2.68 9.92 15.21
CA TYR A 38 -3.26 10.21 13.91
C TYR A 38 -2.77 9.18 12.91
N VAL A 39 -1.47 8.89 12.94
CA VAL A 39 -0.91 7.90 12.02
C VAL A 39 -1.51 6.51 12.27
N LEU A 40 -1.67 6.18 13.54
CA LEU A 40 -2.22 4.88 13.92
C LEU A 40 -3.74 4.82 13.74
N GLY A 41 -4.34 5.94 13.39
CA GLY A 41 -5.77 5.95 13.15
C GLY A 41 -6.09 5.43 11.76
N ARG A 42 -5.07 5.29 10.90
CA ARG A 42 -5.29 4.84 9.53
C ARG A 42 -5.38 3.32 9.39
N ILE A 43 -6.51 2.83 8.87
CA ILE A 43 -6.74 1.40 8.69
C ILE A 43 -6.07 0.80 7.46
N ARG A 44 -6.32 1.42 6.31
CA ARG A 44 -5.75 1.03 5.02
C ARG A 44 -5.60 -0.47 4.72
N ALA A 45 -4.44 -0.86 4.20
CA ALA A 45 -4.11 -2.24 3.81
C ALA A 45 -4.13 -3.37 4.84
N GLY A 46 -4.08 -4.60 4.32
CA GLY A 46 -4.09 -5.77 5.15
C GLY A 46 -3.39 -6.98 4.52
N VAL A 47 -3.13 -6.93 3.21
CA VAL A 47 -2.47 -8.04 2.52
C VAL A 47 -1.00 -7.69 2.24
N LEU A 48 -0.09 -8.60 2.59
CA LEU A 48 1.37 -8.42 2.39
C LEU A 48 2.02 -9.52 1.55
N GLU A 49 2.83 -9.14 0.57
CA GLU A 49 3.53 -10.12 -0.25
C GLU A 49 4.65 -10.76 0.60
N GLN A 50 5.12 -11.93 0.17
CA GLN A 50 6.18 -12.65 0.87
C GLN A 50 7.41 -11.80 0.96
N GLY A 51 7.63 -10.98 -0.06
CA GLY A 51 8.79 -10.11 -0.08
C GLY A 51 8.82 -9.14 1.06
N MET A 52 7.66 -8.60 1.43
CA MET A 52 7.61 -7.64 2.54
C MET A 52 7.70 -8.39 3.86
N VAL A 53 7.12 -9.59 3.89
CA VAL A 53 7.17 -10.40 5.09
C VAL A 53 8.63 -10.67 5.43
N ASP A 54 9.47 -10.80 4.40
CA ASP A 54 10.89 -11.02 4.64
C ASP A 54 11.65 -9.73 5.00
N LEU A 55 11.25 -8.61 4.41
CA LEU A 55 11.88 -7.32 4.67
C LEU A 55 11.69 -6.93 6.14
N LEU A 56 10.54 -7.28 6.70
CA LEU A 56 10.20 -7.00 8.10
C LEU A 56 11.07 -7.84 9.03
N ARG A 57 11.26 -9.10 8.65
CA ARG A 57 12.08 -10.02 9.43
C ARG A 57 13.52 -9.51 9.36
N GLU A 58 13.83 -8.85 8.26
CA GLU A 58 15.16 -8.29 8.07
C GLU A 58 15.28 -7.02 8.90
N ALA A 59 14.20 -6.25 8.99
CA ALA A 59 14.21 -5.03 9.78
C ALA A 59 14.15 -5.38 11.26
N GLY A 60 14.13 -6.68 11.54
CA GLY A 60 14.08 -7.21 12.89
C GLY A 60 12.76 -7.03 13.64
N VAL A 61 11.74 -6.57 12.92
CA VAL A 61 10.45 -6.31 13.53
C VAL A 61 9.37 -7.30 13.03
N ASP A 62 9.48 -8.56 13.46
CA ASP A 62 8.55 -9.59 13.04
C ASP A 62 7.95 -10.52 14.09
N ARG A 63 8.38 -10.41 15.33
CA ARG A 63 7.87 -11.28 16.41
C ARG A 63 6.33 -11.38 16.34
N ARG A 64 5.68 -10.25 16.57
CA ARG A 64 4.24 -10.17 16.54
C ARG A 64 3.67 -10.68 15.23
N MET A 65 4.25 -10.26 14.10
CA MET A 65 3.75 -10.72 12.81
C MET A 65 3.75 -12.23 12.68
N ALA A 66 4.85 -12.87 13.06
CA ALA A 66 4.92 -14.33 12.98
C ALA A 66 3.78 -14.96 13.78
N ARG A 67 3.38 -14.29 14.84
CA ARG A 67 2.33 -14.75 15.72
C ARG A 67 0.88 -14.45 15.27
N ASP A 68 0.60 -13.21 14.92
CA ASP A 68 -0.76 -12.77 14.54
C ASP A 68 -1.11 -12.70 13.06
N GLY A 69 -0.12 -12.55 12.20
CA GLY A 69 -0.40 -12.47 10.78
C GLY A 69 -0.91 -13.83 10.33
N LEU A 70 -1.82 -13.84 9.35
CA LEU A 70 -2.37 -15.10 8.86
C LEU A 70 -1.82 -15.45 7.49
N VAL A 71 -1.28 -16.65 7.33
CA VAL A 71 -0.76 -17.08 6.03
C VAL A 71 -1.93 -17.65 5.23
N HIS A 72 -2.11 -17.16 4.01
CA HIS A 72 -3.19 -17.61 3.13
C HIS A 72 -2.64 -18.29 1.88
N GLU A 73 -3.31 -19.33 1.41
CA GLU A 73 -2.85 -20.05 0.22
C GLU A 73 -3.85 -19.99 -0.93
N GLY A 74 -4.87 -19.15 -0.80
CA GLY A 74 -5.84 -19.03 -1.86
C GLY A 74 -6.78 -17.85 -1.68
N VAL A 75 -7.40 -17.40 -2.76
CA VAL A 75 -8.36 -16.30 -2.71
C VAL A 75 -9.54 -16.87 -3.43
N GLU A 76 -10.66 -16.15 -3.40
CA GLU A 76 -11.88 -16.57 -4.09
C GLU A 76 -12.43 -15.39 -4.88
N ILE A 77 -12.75 -15.61 -6.16
CA ILE A 77 -13.36 -14.57 -7.01
C ILE A 77 -14.79 -15.08 -7.23
N ALA A 78 -15.79 -14.24 -6.97
CA ALA A 78 -17.17 -14.64 -7.14
C ALA A 78 -17.83 -13.80 -8.21
N PHE A 79 -18.36 -14.46 -9.23
CA PHE A 79 -19.02 -13.77 -10.32
C PHE A 79 -20.17 -14.59 -10.90
N ALA A 80 -21.20 -13.89 -11.39
CA ALA A 80 -22.36 -14.51 -12.03
C ALA A 80 -22.80 -15.83 -11.39
N GLY A 81 -23.11 -15.78 -10.11
CA GLY A 81 -23.52 -16.97 -9.41
C GLY A 81 -22.41 -17.79 -8.81
N GLN A 82 -21.38 -18.09 -9.61
CA GLN A 82 -20.24 -18.89 -9.16
C GLN A 82 -19.20 -18.23 -8.24
N ARG A 83 -18.47 -19.07 -7.53
CA ARG A 83 -17.41 -18.68 -6.62
C ARG A 83 -16.25 -19.56 -7.01
N ARG A 84 -15.19 -18.97 -7.54
CA ARG A 84 -14.02 -19.72 -7.96
C ARG A 84 -12.81 -19.41 -7.08
N ARG A 85 -12.17 -20.46 -6.58
CA ARG A 85 -10.99 -20.29 -5.73
C ARG A 85 -9.68 -20.41 -6.52
N ILE A 86 -8.72 -19.57 -6.16
CA ILE A 86 -7.43 -19.56 -6.81
C ILE A 86 -6.42 -20.08 -5.78
N ASP A 87 -5.85 -21.25 -6.05
CA ASP A 87 -4.86 -21.84 -5.15
C ASP A 87 -3.53 -21.16 -5.44
N LEU A 88 -3.21 -20.15 -4.65
CA LEU A 88 -1.97 -19.41 -4.84
C LEU A 88 -0.71 -20.27 -4.62
N LYS A 89 -0.69 -21.04 -3.54
CA LYS A 89 0.48 -21.85 -3.23
C LYS A 89 0.96 -22.81 -4.32
N ARG A 90 0.05 -23.42 -5.09
CA ARG A 90 0.52 -24.32 -6.13
C ARG A 90 0.64 -23.64 -7.50
N LEU A 91 -0.19 -22.64 -7.74
CA LEU A 91 -0.12 -21.93 -9.01
C LEU A 91 1.05 -20.94 -9.10
N SER A 92 1.64 -20.58 -7.97
CA SER A 92 2.75 -19.65 -7.99
C SER A 92 4.09 -20.35 -7.81
N GLY A 93 4.03 -21.65 -7.55
CA GLY A 93 5.27 -22.37 -7.31
C GLY A 93 5.59 -22.23 -5.83
N GLY A 94 4.61 -22.54 -4.99
CA GLY A 94 4.82 -22.50 -3.56
C GLY A 94 4.74 -21.20 -2.76
N LYS A 95 4.35 -20.08 -3.36
CA LYS A 95 4.26 -18.84 -2.61
C LYS A 95 2.87 -18.61 -1.99
N THR A 96 2.82 -17.82 -0.91
CA THR A 96 1.58 -17.50 -0.24
C THR A 96 1.68 -16.03 0.16
N VAL A 97 0.60 -15.47 0.72
CA VAL A 97 0.60 -14.08 1.18
C VAL A 97 0.18 -14.04 2.65
N THR A 98 0.58 -13.00 3.37
CA THR A 98 0.24 -12.86 4.77
C THR A 98 -0.73 -11.73 4.99
N VAL A 99 -1.76 -11.99 5.78
CA VAL A 99 -2.74 -10.98 6.11
C VAL A 99 -2.31 -10.46 7.48
N TYR A 100 -2.08 -9.15 7.56
CA TYR A 100 -1.64 -8.50 8.78
C TYR A 100 -1.90 -7.00 8.54
N GLY A 101 -2.73 -6.40 9.38
CA GLY A 101 -3.09 -5.00 9.22
C GLY A 101 -1.95 -4.01 9.06
N GLN A 102 -2.19 -2.97 8.27
CA GLN A 102 -1.18 -1.94 8.03
C GLN A 102 -0.94 -1.22 9.35
N THR A 103 -2.02 -0.97 10.09
CA THR A 103 -1.95 -0.31 11.38
C THR A 103 -1.05 -1.07 12.35
N GLU A 104 -1.02 -2.40 12.22
CA GLU A 104 -0.18 -3.25 13.07
C GLU A 104 1.26 -3.04 12.70
N VAL A 105 1.56 -3.14 11.42
CA VAL A 105 2.90 -2.96 10.90
C VAL A 105 3.43 -1.64 11.39
N THR A 106 2.64 -0.57 11.24
CA THR A 106 3.05 0.75 11.67
C THR A 106 3.35 0.68 13.18
N ARG A 107 2.38 0.20 13.97
CA ARG A 107 2.53 0.04 15.42
C ARG A 107 3.81 -0.69 15.81
N ASP A 108 4.11 -1.80 15.15
CA ASP A 108 5.32 -2.56 15.43
C ASP A 108 6.56 -1.72 15.16
N LEU A 109 6.73 -1.30 13.92
CA LEU A 109 7.85 -0.46 13.51
C LEU A 109 8.02 0.74 14.45
N MET A 110 6.90 1.37 14.84
CA MET A 110 6.91 2.53 15.73
C MET A 110 7.44 2.15 17.10
N GLU A 111 7.17 0.93 17.56
CA GLU A 111 7.64 0.49 18.87
C GLU A 111 9.13 0.26 18.75
N ALA A 112 9.51 -0.46 17.70
CA ALA A 112 10.90 -0.76 17.42
C ALA A 112 11.75 0.51 17.41
N ARG A 113 11.29 1.55 16.72
CA ARG A 113 12.05 2.81 16.62
C ARG A 113 12.26 3.51 17.94
N GLU A 114 11.17 3.70 18.69
CA GLU A 114 11.21 4.37 19.98
C GLU A 114 12.20 3.68 20.90
N ALA A 115 12.23 2.36 20.89
CA ALA A 115 13.18 1.67 21.75
C ALA A 115 14.62 1.87 21.25
N SER A 116 14.81 1.93 19.94
CA SER A 116 16.15 2.09 19.38
C SER A 116 16.78 3.43 19.75
N GLY A 117 15.94 4.38 20.12
CA GLY A 117 16.41 5.70 20.49
C GLY A 117 16.69 6.56 19.28
N ALA A 118 16.44 6.04 18.08
CA ALA A 118 16.68 6.82 16.88
C ALA A 118 15.71 8.00 16.87
N THR A 119 16.17 9.10 16.31
CA THR A 119 15.40 10.36 16.27
C THR A 119 14.13 10.34 15.45
N THR A 120 13.04 10.86 16.03
CA THR A 120 11.75 10.98 15.34
C THR A 120 11.11 12.27 15.83
N VAL A 121 10.86 13.22 14.94
CA VAL A 121 10.23 14.50 15.31
C VAL A 121 8.79 14.57 14.84
N TYR A 122 7.84 14.17 15.69
CA TYR A 122 6.44 14.23 15.30
C TYR A 122 6.06 15.68 15.40
N GLN A 123 4.93 16.05 14.80
CA GLN A 123 4.47 17.43 14.83
C GLN A 123 5.47 18.42 14.24
N ALA A 124 6.13 17.99 13.17
CA ALA A 124 7.10 18.83 12.47
C ALA A 124 6.33 19.58 11.40
N ALA A 125 6.10 20.87 11.63
CA ALA A 125 5.34 21.72 10.71
C ALA A 125 6.14 22.40 9.64
N GLU A 126 5.43 22.70 8.56
CA GLU A 126 5.97 23.41 7.41
C GLU A 126 7.37 23.03 6.96
N VAL A 127 7.53 21.74 6.71
CA VAL A 127 8.77 21.17 6.23
C VAL A 127 9.07 21.68 4.82
N ARG A 128 10.32 22.08 4.59
CA ARG A 128 10.74 22.57 3.29
C ARG A 128 12.08 21.93 2.98
N LEU A 129 12.28 21.53 1.72
CA LEU A 129 13.53 20.91 1.28
C LEU A 129 14.36 21.94 0.54
N HIS A 130 15.67 21.96 0.77
CA HIS A 130 16.55 22.92 0.09
C HIS A 130 17.84 22.29 -0.43
N ASP A 131 18.46 22.94 -1.40
CA ASP A 131 19.71 22.50 -1.99
C ASP A 131 19.73 21.04 -2.42
N LEU A 132 18.66 20.61 -3.07
CA LEU A 132 18.52 19.23 -3.53
C LEU A 132 19.63 18.77 -4.48
N GLN A 133 20.25 19.70 -5.20
CA GLN A 133 21.32 19.33 -6.12
C GLN A 133 22.75 19.60 -5.62
N GLY A 134 22.87 20.18 -4.43
CA GLY A 134 24.18 20.46 -3.89
C GLY A 134 24.76 19.23 -3.21
N GLU A 135 25.84 19.39 -2.47
CA GLU A 135 26.45 18.26 -1.77
C GLU A 135 25.88 18.20 -0.37
N ARG A 136 25.39 19.35 0.10
CA ARG A 136 24.81 19.44 1.42
C ARG A 136 23.40 20.01 1.34
N PRO A 137 22.40 19.15 1.09
CA PRO A 137 21.03 19.64 1.02
C PRO A 137 20.57 19.76 2.46
N TYR A 138 19.49 20.46 2.72
CA TYR A 138 19.00 20.58 4.08
C TYR A 138 17.48 20.72 4.12
N VAL A 139 16.93 20.47 5.30
CA VAL A 139 15.51 20.52 5.53
C VAL A 139 15.17 21.52 6.62
N THR A 140 14.18 22.37 6.41
CA THR A 140 13.77 23.29 7.48
C THR A 140 12.34 22.90 7.88
N PHE A 141 12.03 23.03 9.16
CA PHE A 141 10.72 22.71 9.70
C PHE A 141 10.50 23.53 10.96
N GLU A 142 9.28 23.53 11.47
CA GLU A 142 8.95 24.28 12.65
C GLU A 142 8.49 23.34 13.74
N ARG A 143 9.06 23.48 14.92
CA ARG A 143 8.65 22.67 16.05
C ARG A 143 8.18 23.72 17.04
N ASP A 144 6.88 23.87 17.15
CA ASP A 144 6.23 24.86 18.00
C ASP A 144 6.22 26.19 17.21
N GLY A 145 7.24 27.03 17.40
CA GLY A 145 7.30 28.28 16.68
C GLY A 145 8.71 28.57 16.21
N GLU A 146 9.60 27.60 16.44
CA GLU A 146 10.99 27.75 16.06
C GLU A 146 11.28 27.03 14.77
N ARG A 147 11.83 27.73 13.81
CA ARG A 147 12.20 27.11 12.55
C ARG A 147 13.59 26.50 12.80
N LEU A 148 13.70 25.19 12.70
CA LEU A 148 14.95 24.48 12.89
C LEU A 148 15.50 24.09 11.53
N ARG A 149 16.78 23.70 11.50
CA ARG A 149 17.42 23.30 10.25
C ARG A 149 18.07 21.95 10.44
N LEU A 150 17.90 21.07 9.45
CA LEU A 150 18.49 19.74 9.52
C LEU A 150 19.37 19.58 8.30
N ASP A 151 20.64 19.26 8.53
CA ASP A 151 21.59 19.05 7.47
C ASP A 151 21.74 17.54 7.32
N CYS A 152 21.83 17.08 6.07
CA CYS A 152 21.95 15.66 5.77
C CYS A 152 22.60 15.49 4.41
N ASP A 153 22.91 14.25 4.05
CA ASP A 153 23.53 13.97 2.77
C ASP A 153 22.43 13.72 1.76
N TYR A 154 21.45 12.91 2.16
CA TYR A 154 20.32 12.51 1.30
C TYR A 154 18.99 12.67 2.00
N ILE A 155 17.94 12.90 1.21
CA ILE A 155 16.59 13.05 1.74
C ILE A 155 15.71 11.99 1.09
N ALA A 156 14.92 11.29 1.90
CA ALA A 156 14.02 10.27 1.35
C ALA A 156 12.61 10.80 1.50
N GLY A 157 11.94 11.04 0.36
CA GLY A 157 10.57 11.53 0.35
C GLY A 157 9.57 10.39 0.52
N CYS A 158 9.21 10.14 1.78
CA CYS A 158 8.27 9.08 2.12
C CYS A 158 7.00 9.70 2.70
N ASP A 159 6.68 10.90 2.26
CA ASP A 159 5.54 11.63 2.77
C ASP A 159 4.16 11.43 2.14
N GLY A 160 4.03 10.37 1.35
CA GLY A 160 2.76 10.07 0.72
C GLY A 160 2.30 10.97 -0.40
N PHE A 161 1.15 10.63 -0.96
CA PHE A 161 0.58 11.37 -2.08
C PHE A 161 0.59 12.90 -2.00
N HIS A 162 0.12 13.46 -0.89
CA HIS A 162 0.08 14.92 -0.74
C HIS A 162 1.28 15.48 0.01
N GLY A 163 2.38 14.76 0.03
CA GLY A 163 3.57 15.21 0.71
C GLY A 163 4.26 16.38 0.02
N ILE A 164 5.26 16.95 0.68
CA ILE A 164 6.00 18.09 0.14
C ILE A 164 7.14 17.71 -0.82
N SER A 165 7.62 16.47 -0.73
CA SER A 165 8.71 15.99 -1.57
C SER A 165 8.48 16.10 -3.05
N ARG A 166 7.40 15.49 -3.53
CA ARG A 166 7.13 15.53 -4.95
C ARG A 166 6.96 16.93 -5.49
N GLN A 167 6.44 17.83 -4.68
CA GLN A 167 6.23 19.22 -5.11
C GLN A 167 7.52 20.02 -5.10
N SER A 168 8.56 19.44 -4.52
CA SER A 168 9.84 20.11 -4.43
C SER A 168 10.69 19.90 -5.69
N ILE A 169 10.42 18.84 -6.44
CA ILE A 169 11.16 18.58 -7.67
C ILE A 169 10.57 19.50 -8.74
N PRO A 170 11.42 20.22 -9.50
CA PRO A 170 10.86 21.10 -10.55
C PRO A 170 9.97 20.35 -11.56
N ALA A 171 8.71 20.79 -11.64
CA ALA A 171 7.70 20.21 -12.51
C ALA A 171 8.20 19.76 -13.86
N GLU A 172 8.97 20.62 -14.51
CA GLU A 172 9.52 20.35 -15.85
C GLU A 172 10.49 19.17 -15.91
N ARG A 173 10.76 18.56 -14.76
CA ARG A 173 11.67 17.43 -14.70
C ARG A 173 10.93 16.09 -14.60
N LEU A 174 9.71 16.14 -14.08
CA LEU A 174 8.86 14.95 -13.90
C LEU A 174 7.78 14.81 -14.98
N LYS A 175 7.57 13.57 -15.44
CA LYS A 175 6.49 13.31 -16.40
C LYS A 175 5.49 12.47 -15.60
N VAL A 176 4.24 12.93 -15.58
CA VAL A 176 3.14 12.31 -14.83
C VAL A 176 2.15 11.48 -15.68
N PHE A 177 1.80 10.30 -15.19
CA PHE A 177 0.86 9.38 -15.84
C PHE A 177 -0.23 9.20 -14.80
N GLU A 178 -1.48 9.44 -15.17
CA GLU A 178 -2.56 9.33 -14.20
C GLU A 178 -3.91 8.91 -14.75
N ARG A 179 -4.63 8.09 -13.98
CA ARG A 179 -5.96 7.59 -14.32
C ARG A 179 -6.82 7.67 -13.07
N VAL A 180 -7.98 8.32 -13.17
CA VAL A 180 -8.90 8.45 -12.03
C VAL A 180 -10.13 7.61 -12.32
N TYR A 181 -10.47 6.72 -11.39
CA TYR A 181 -11.64 5.86 -11.59
C TYR A 181 -12.90 6.57 -11.14
N PRO A 182 -14.02 6.33 -11.84
CA PRO A 182 -15.30 6.96 -11.52
C PRO A 182 -16.00 6.43 -10.28
N PHE A 183 -15.24 5.79 -9.40
CA PHE A 183 -15.79 5.22 -8.18
C PHE A 183 -14.74 5.16 -7.07
N GLY A 184 -15.19 4.85 -5.86
CA GLY A 184 -14.30 4.72 -4.72
C GLY A 184 -14.72 3.49 -3.95
N TRP A 185 -14.07 3.22 -2.81
CA TRP A 185 -14.45 2.08 -1.99
C TRP A 185 -14.87 2.65 -0.66
N LEU A 186 -16.00 2.17 -0.16
CA LEU A 186 -16.47 2.56 1.16
C LEU A 186 -16.04 1.37 2.02
N GLY A 187 -14.97 1.56 2.78
CA GLY A 187 -14.48 0.50 3.63
C GLY A 187 -15.09 0.47 5.01
N LEU A 188 -14.98 -0.67 5.67
CA LEU A 188 -15.54 -0.83 6.99
C LEU A 188 -14.77 -1.87 7.78
N LEU A 189 -14.48 -1.57 9.04
CA LEU A 189 -13.77 -2.47 9.94
C LEU A 189 -14.76 -2.77 11.06
N ALA A 190 -14.87 -4.03 11.46
CA ALA A 190 -15.81 -4.42 12.51
C ALA A 190 -15.29 -5.60 13.34
N ASP A 191 -15.58 -5.58 14.64
CA ASP A 191 -15.16 -6.64 15.56
C ASP A 191 -16.11 -7.85 15.46
N THR A 192 -16.15 -8.50 14.31
CA THR A 192 -17.00 -9.67 14.09
C THR A 192 -16.18 -10.76 13.41
N PRO A 193 -16.63 -12.03 13.50
CA PRO A 193 -15.85 -13.08 12.84
C PRO A 193 -15.98 -12.95 11.31
N PRO A 194 -14.86 -13.18 10.58
CA PRO A 194 -15.02 -13.06 9.13
C PRO A 194 -15.89 -14.20 8.59
N VAL A 195 -16.44 -13.94 7.41
CA VAL A 195 -17.32 -14.88 6.74
C VAL A 195 -16.55 -15.97 5.99
N SER A 196 -15.24 -15.79 5.84
CA SER A 196 -14.44 -16.77 5.11
C SER A 196 -13.02 -16.82 5.67
N HIS A 197 -12.39 -17.98 5.53
CA HIS A 197 -11.02 -18.15 5.99
C HIS A 197 -10.03 -17.55 4.99
N GLU A 198 -10.50 -17.36 3.76
CA GLU A 198 -9.71 -16.73 2.71
C GLU A 198 -10.53 -15.56 2.22
N LEU A 199 -9.88 -14.61 1.57
CA LEU A 199 -10.58 -13.44 1.06
C LEU A 199 -11.52 -13.76 -0.10
N ILE A 200 -12.52 -12.91 -0.29
CA ILE A 200 -13.45 -13.08 -1.39
C ILE A 200 -13.58 -11.73 -2.09
N TYR A 201 -13.27 -11.75 -3.38
CA TYR A 201 -13.37 -10.58 -4.24
C TYR A 201 -14.63 -10.87 -5.06
N ALA A 202 -15.64 -10.03 -4.97
CA ALA A 202 -16.86 -10.31 -5.70
C ALA A 202 -17.29 -9.28 -6.74
N ASN A 203 -17.60 -9.77 -7.93
CA ASN A 203 -18.10 -8.92 -9.00
C ASN A 203 -19.63 -9.13 -8.96
N HIS A 204 -20.38 -8.04 -8.90
CA HIS A 204 -21.82 -8.12 -8.87
C HIS A 204 -22.38 -6.95 -9.69
N PRO A 205 -23.57 -7.10 -10.27
CA PRO A 205 -24.16 -6.01 -11.07
C PRO A 205 -24.33 -4.71 -10.29
N ARG A 206 -24.46 -4.80 -8.98
CA ARG A 206 -24.60 -3.60 -8.16
C ARG A 206 -23.24 -2.97 -7.88
N GLY A 207 -22.16 -3.71 -8.18
CA GLY A 207 -20.81 -3.22 -7.94
C GLY A 207 -19.94 -4.23 -7.21
N PHE A 208 -18.67 -3.87 -7.00
CA PHE A 208 -17.70 -4.73 -6.32
C PHE A 208 -17.94 -4.82 -4.82
N ALA A 209 -17.60 -5.96 -4.24
CA ALA A 209 -17.69 -6.20 -2.80
C ALA A 209 -16.46 -7.02 -2.41
N LEU A 210 -15.91 -6.74 -1.24
CA LEU A 210 -14.73 -7.43 -0.78
C LEU A 210 -14.94 -7.90 0.65
N CYS A 211 -14.58 -9.17 0.91
CA CYS A 211 -14.69 -9.74 2.23
C CYS A 211 -13.29 -10.06 2.73
N SER A 212 -12.80 -9.27 3.67
CA SER A 212 -11.49 -9.50 4.21
C SER A 212 -11.54 -9.66 5.73
N GLN A 213 -10.38 -9.94 6.32
CA GLN A 213 -10.27 -10.16 7.76
C GLN A 213 -8.95 -9.58 8.29
N ARG A 214 -8.92 -9.29 9.57
CA ARG A 214 -7.72 -8.78 10.22
C ARG A 214 -7.29 -9.82 11.25
N SER A 215 -8.24 -10.64 11.69
CA SER A 215 -8.02 -11.71 12.66
C SER A 215 -9.26 -12.59 12.68
N ALA A 216 -9.26 -13.57 13.58
CA ALA A 216 -10.39 -14.49 13.67
C ALA A 216 -11.60 -13.85 14.31
N THR A 217 -11.42 -12.70 14.95
CA THR A 217 -12.55 -11.99 15.56
C THR A 217 -12.65 -10.57 15.03
N ARG A 218 -12.09 -10.33 13.85
CA ARG A 218 -12.13 -9.02 13.26
C ARG A 218 -12.14 -9.09 11.73
N SER A 219 -13.15 -8.45 11.13
CA SER A 219 -13.31 -8.44 9.70
C SER A 219 -13.22 -7.04 9.09
N ARG A 220 -12.86 -7.02 7.82
CA ARG A 220 -12.68 -5.80 7.06
C ARG A 220 -13.46 -6.05 5.80
N TYR A 221 -14.36 -5.14 5.48
CA TYR A 221 -15.22 -5.27 4.31
C TYR A 221 -15.17 -3.96 3.51
N ALA A 222 -15.55 -4.02 2.22
CA ALA A 222 -15.60 -2.84 1.36
C ALA A 222 -16.58 -3.05 0.21
N VAL A 223 -17.18 -1.97 -0.28
CA VAL A 223 -18.08 -2.06 -1.41
C VAL A 223 -17.80 -0.86 -2.29
N GLN A 224 -17.82 -1.07 -3.59
CA GLN A 224 -17.62 0.01 -4.54
C GLN A 224 -18.83 0.97 -4.43
N VAL A 225 -18.58 2.27 -4.41
CA VAL A 225 -19.63 3.27 -4.35
C VAL A 225 -19.23 4.44 -5.27
N PRO A 226 -20.20 5.23 -5.72
CA PRO A 226 -19.91 6.38 -6.60
C PRO A 226 -19.05 7.40 -5.87
N LEU A 227 -18.41 8.28 -6.62
CA LEU A 227 -17.57 9.31 -6.03
C LEU A 227 -18.42 10.41 -5.37
N THR A 228 -19.71 10.38 -5.64
CA THR A 228 -20.66 11.34 -5.09
C THR A 228 -21.19 10.99 -3.68
N GLU A 229 -20.87 9.79 -3.20
CA GLU A 229 -21.35 9.34 -1.90
C GLU A 229 -20.55 9.86 -0.73
N LYS A 230 -21.24 10.41 0.26
CA LYS A 230 -20.63 10.90 1.47
C LYS A 230 -20.84 9.82 2.52
N VAL A 231 -19.78 9.48 3.25
CA VAL A 231 -19.85 8.42 4.26
C VAL A 231 -20.96 8.56 5.30
N GLU A 232 -21.32 9.78 5.68
CA GLU A 232 -22.37 9.95 6.67
C GLU A 232 -23.74 9.55 6.16
N ASP A 233 -23.83 9.15 4.89
CA ASP A 233 -25.09 8.73 4.29
C ASP A 233 -25.26 7.21 4.38
N TRP A 234 -24.17 6.55 4.73
CA TRP A 234 -24.19 5.11 4.84
C TRP A 234 -24.15 4.64 6.28
N SER A 235 -25.33 4.36 6.82
CA SER A 235 -25.42 3.87 8.18
C SER A 235 -24.88 2.44 8.14
N ASP A 236 -24.56 1.88 9.31
CA ASP A 236 -24.07 0.52 9.37
C ASP A 236 -25.08 -0.42 8.73
N GLU A 237 -26.35 -0.24 9.12
CA GLU A 237 -27.45 -1.05 8.59
C GLU A 237 -27.44 -1.09 7.09
N ARG A 238 -27.29 0.11 6.51
CA ARG A 238 -27.26 0.28 5.07
C ARG A 238 -26.09 -0.46 4.44
N PHE A 239 -24.95 -0.45 5.12
CA PHE A 239 -23.78 -1.13 4.61
C PHE A 239 -23.98 -2.64 4.48
N TRP A 240 -24.35 -3.29 5.59
CA TRP A 240 -24.55 -4.74 5.60
C TRP A 240 -25.62 -5.20 4.61
N THR A 241 -26.68 -4.41 4.46
CA THR A 241 -27.73 -4.76 3.53
C THR A 241 -27.12 -4.74 2.12
N GLU A 242 -26.36 -3.69 1.83
CA GLU A 242 -25.73 -3.53 0.53
C GLU A 242 -24.69 -4.64 0.32
N LEU A 243 -23.93 -4.94 1.35
CA LEU A 243 -22.90 -5.97 1.28
C LEU A 243 -23.55 -7.33 0.96
N LYS A 244 -24.59 -7.69 1.70
CA LYS A 244 -25.31 -8.94 1.51
C LYS A 244 -25.91 -9.05 0.13
N ALA A 245 -26.38 -7.93 -0.40
CA ALA A 245 -26.97 -7.90 -1.74
C ALA A 245 -25.98 -8.21 -2.85
N ARG A 246 -24.69 -7.96 -2.62
CA ARG A 246 -23.67 -8.19 -3.63
C ARG A 246 -22.91 -9.50 -3.53
N LEU A 247 -23.17 -10.28 -2.50
CA LEU A 247 -22.46 -11.54 -2.31
C LEU A 247 -23.28 -12.77 -2.64
N PRO A 248 -22.60 -13.94 -2.78
CA PRO A 248 -23.29 -15.21 -3.10
C PRO A 248 -24.21 -15.53 -1.92
N ALA A 249 -25.43 -15.98 -2.19
CA ALA A 249 -26.42 -16.29 -1.15
C ALA A 249 -25.90 -17.16 -0.01
N GLU A 250 -25.08 -18.15 -0.35
CA GLU A 250 -24.48 -19.05 0.64
C GLU A 250 -23.50 -18.33 1.60
N VAL A 251 -22.90 -17.24 1.13
CA VAL A 251 -21.96 -16.45 1.93
C VAL A 251 -22.76 -15.44 2.73
N ALA A 252 -23.70 -14.77 2.06
CA ALA A 252 -24.53 -13.75 2.69
C ALA A 252 -25.28 -14.26 3.90
N GLU A 253 -25.58 -15.55 3.95
CA GLU A 253 -26.30 -16.09 5.11
C GLU A 253 -25.39 -16.61 6.21
N LYS A 254 -24.08 -16.54 5.99
CA LYS A 254 -23.10 -16.98 6.99
C LYS A 254 -22.53 -15.72 7.64
N LEU A 255 -22.82 -14.58 7.02
CA LEU A 255 -22.32 -13.30 7.48
C LEU A 255 -22.75 -12.90 8.89
N VAL A 256 -21.78 -12.73 9.78
CA VAL A 256 -22.07 -12.27 11.14
C VAL A 256 -21.82 -10.76 11.10
N THR A 257 -22.88 -9.97 11.21
CA THR A 257 -22.74 -8.52 11.14
C THR A 257 -22.52 -7.86 12.50
N GLY A 258 -22.25 -6.57 12.48
CA GLY A 258 -22.06 -5.88 13.73
C GLY A 258 -21.73 -4.44 13.54
N PRO A 259 -21.66 -3.68 14.63
CA PRO A 259 -21.34 -2.25 14.61
C PRO A 259 -19.92 -2.05 14.07
N SER A 260 -19.73 -0.98 13.31
CA SER A 260 -18.45 -0.67 12.72
C SER A 260 -17.53 0.07 13.68
N LEU A 261 -16.24 -0.22 13.56
CA LEU A 261 -15.19 0.42 14.34
C LEU A 261 -14.68 1.60 13.52
N GLU A 262 -14.62 1.41 12.20
CA GLU A 262 -14.13 2.44 11.28
C GLU A 262 -14.89 2.31 9.97
N LYS A 263 -15.04 3.42 9.27
CA LYS A 263 -15.75 3.51 8.00
C LYS A 263 -15.16 4.72 7.27
N SER A 264 -14.97 4.60 5.95
CA SER A 264 -14.42 5.71 5.18
C SER A 264 -14.43 5.42 3.69
N ILE A 265 -14.55 6.46 2.88
CA ILE A 265 -14.56 6.25 1.45
C ILE A 265 -13.24 6.71 0.85
N ALA A 266 -12.53 5.76 0.26
CA ALA A 266 -11.26 6.01 -0.40
C ALA A 266 -11.50 6.03 -1.91
N PRO A 267 -11.11 7.10 -2.61
CA PRO A 267 -11.28 7.21 -4.06
C PRO A 267 -10.22 6.36 -4.78
N LEU A 268 -10.54 5.84 -5.95
CA LEU A 268 -9.59 5.02 -6.72
C LEU A 268 -8.80 5.85 -7.75
N ARG A 269 -7.52 5.52 -7.90
CA ARG A 269 -6.65 6.24 -8.81
C ARG A 269 -5.40 5.43 -9.16
N SER A 270 -4.81 5.74 -10.31
CA SER A 270 -3.56 5.13 -10.77
C SER A 270 -2.70 6.38 -10.99
N PHE A 271 -1.45 6.34 -10.54
CA PHE A 271 -0.58 7.50 -10.66
C PHE A 271 0.87 7.09 -10.61
N VAL A 272 1.63 7.53 -11.60
CA VAL A 272 3.06 7.23 -11.68
C VAL A 272 3.80 8.48 -12.12
N VAL A 273 4.91 8.76 -11.44
CA VAL A 273 5.73 9.91 -11.75
C VAL A 273 7.09 9.38 -12.20
N GLU A 274 7.62 9.93 -13.29
CA GLU A 274 8.93 9.49 -13.79
C GLU A 274 9.87 10.67 -14.07
N PRO A 275 11.07 10.66 -13.48
CA PRO A 275 11.62 9.65 -12.58
C PRO A 275 11.21 9.86 -11.15
N MET A 276 11.72 9.02 -10.26
CA MET A 276 11.42 9.08 -8.83
C MET A 276 12.53 9.71 -7.97
N GLN A 277 13.31 10.64 -8.52
CA GLN A 277 14.39 11.26 -7.77
C GLN A 277 14.84 12.58 -8.37
N HIS A 278 15.50 13.39 -7.56
CA HIS A 278 16.00 14.68 -8.01
C HIS A 278 17.18 15.06 -7.17
N GLY A 279 18.36 15.06 -7.77
CA GLY A 279 19.57 15.35 -7.03
C GLY A 279 19.73 14.36 -5.89
N ARG A 280 19.64 14.89 -4.67
CA ARG A 280 19.78 14.08 -3.46
C ARG A 280 18.48 13.70 -2.80
N LEU A 281 17.39 13.89 -3.52
CA LEU A 281 16.06 13.53 -3.03
C LEU A 281 15.62 12.26 -3.78
N PHE A 282 15.09 11.28 -3.04
CA PHE A 282 14.58 10.04 -3.61
C PHE A 282 13.16 9.83 -3.10
N LEU A 283 12.22 9.58 -3.99
CA LEU A 283 10.81 9.38 -3.60
C LEU A 283 10.49 7.91 -3.37
N ALA A 284 9.64 7.63 -2.38
CA ALA A 284 9.29 6.25 -2.10
C ALA A 284 7.84 6.13 -1.66
N GLY A 285 7.25 4.96 -1.94
CA GLY A 285 5.86 4.74 -1.57
C GLY A 285 4.88 5.61 -2.30
N ASP A 286 3.86 6.08 -1.59
CA ASP A 286 2.83 6.91 -2.17
C ASP A 286 3.29 8.27 -2.63
N ALA A 287 4.51 8.65 -2.30
CA ALA A 287 5.02 9.95 -2.71
C ALA A 287 5.27 9.96 -4.19
N ALA A 288 5.48 8.77 -4.75
CA ALA A 288 5.77 8.62 -6.17
C ALA A 288 4.68 7.98 -7.03
N HIS A 289 3.94 7.05 -6.45
CA HIS A 289 2.92 6.34 -7.22
C HIS A 289 1.76 5.86 -6.37
N ILE A 290 0.61 5.79 -7.02
CA ILE A 290 -0.62 5.34 -6.40
C ILE A 290 -1.20 4.23 -7.28
N VAL A 291 -1.68 3.15 -6.67
CA VAL A 291 -2.35 2.10 -7.44
C VAL A 291 -3.74 1.88 -6.82
N PRO A 292 -4.74 1.54 -7.64
CA PRO A 292 -6.06 1.33 -7.02
C PRO A 292 -5.89 0.13 -6.08
N PRO A 293 -6.61 0.12 -4.93
CA PRO A 293 -6.53 -0.96 -3.95
C PRO A 293 -6.93 -2.37 -4.34
N THR A 294 -7.58 -2.52 -5.48
CA THR A 294 -8.05 -3.81 -5.98
C THR A 294 -7.02 -4.91 -5.98
N GLY A 295 -5.79 -4.59 -6.32
CA GLY A 295 -4.74 -5.59 -6.33
C GLY A 295 -3.92 -5.69 -5.05
N ALA A 296 -4.19 -4.84 -4.05
CA ALA A 296 -3.47 -4.81 -2.75
C ALA A 296 -1.98 -4.46 -2.90
N LYS A 297 -1.63 -3.79 -3.98
CA LYS A 297 -0.24 -3.45 -4.26
C LYS A 297 0.41 -2.21 -3.62
N GLY A 298 -0.40 -1.29 -3.11
CA GLY A 298 0.10 -0.07 -2.51
C GLY A 298 1.23 -0.20 -1.48
N LEU A 299 0.89 -0.79 -0.32
CA LEU A 299 1.84 -1.00 0.76
C LEU A 299 2.99 -1.86 0.26
N ASN A 300 2.68 -2.83 -0.57
CA ASN A 300 3.72 -3.69 -1.10
C ASN A 300 4.74 -3.02 -2.01
N LEU A 301 4.32 -2.03 -2.79
CA LEU A 301 5.24 -1.31 -3.66
C LEU A 301 6.11 -0.36 -2.81
N ALA A 302 5.54 0.16 -1.73
CA ALA A 302 6.25 1.06 -0.81
C ALA A 302 7.41 0.25 -0.22
N ALA A 303 7.11 -0.97 0.21
CA ALA A 303 8.13 -1.84 0.77
C ALA A 303 9.23 -2.14 -0.25
N SER A 304 8.88 -2.49 -1.49
CA SER A 304 9.94 -2.78 -2.48
C SER A 304 10.77 -1.54 -2.82
N ASP A 305 10.14 -0.37 -2.91
CA ASP A 305 10.86 0.88 -3.17
C ASP A 305 11.89 1.05 -2.07
N VAL A 306 11.41 0.97 -0.84
CA VAL A 306 12.24 1.10 0.34
C VAL A 306 13.35 0.07 0.37
N SER A 307 13.07 -1.15 -0.07
CA SER A 307 14.08 -2.21 -0.07
C SER A 307 15.24 -1.83 -0.99
N THR A 308 14.89 -1.27 -2.15
CA THR A 308 15.86 -0.83 -3.14
C THR A 308 16.64 0.39 -2.64
N LEU A 309 15.95 1.39 -2.10
CA LEU A 309 16.61 2.58 -1.57
C LEU A 309 17.59 2.21 -0.45
N TYR A 310 17.17 1.35 0.46
CA TYR A 310 18.03 0.90 1.56
C TYR A 310 19.27 0.22 1.01
N ARG A 311 19.08 -0.72 0.09
CA ARG A 311 20.22 -1.41 -0.47
C ARG A 311 21.17 -0.59 -1.33
N LEU A 312 20.68 0.49 -1.94
CA LEU A 312 21.54 1.35 -2.75
C LEU A 312 22.32 2.32 -1.83
N LEU A 313 21.77 2.64 -0.65
CA LEU A 313 22.42 3.53 0.32
C LEU A 313 23.45 2.76 1.15
N LEU A 314 23.25 1.47 1.34
CA LEU A 314 24.23 0.67 2.07
C LEU A 314 25.52 0.68 1.24
N LYS A 315 25.38 0.41 -0.05
CA LYS A 315 26.52 0.40 -0.95
C LYS A 315 27.25 1.74 -1.03
N ALA A 316 26.50 2.84 -1.04
CA ALA A 316 27.07 4.18 -1.10
C ALA A 316 27.82 4.52 0.18
N TYR A 317 27.19 4.31 1.32
CA TYR A 317 27.83 4.59 2.61
C TYR A 317 28.89 3.58 2.91
N ARG A 318 28.49 2.31 2.93
CA ARG A 318 29.39 1.23 3.26
C ARG A 318 30.49 0.95 2.27
N GLU A 319 30.18 0.93 0.98
CA GLU A 319 31.17 0.62 -0.05
C GLU A 319 31.60 1.81 -0.87
N GLY A 320 31.09 2.99 -0.49
CA GLY A 320 31.45 4.20 -1.18
C GLY A 320 30.99 4.28 -2.63
N ARG A 321 30.01 3.47 -2.99
CA ARG A 321 29.52 3.46 -4.37
C ARG A 321 28.26 4.29 -4.58
N GLY A 322 28.38 5.59 -4.37
CA GLY A 322 27.28 6.51 -4.54
C GLY A 322 26.77 6.64 -5.96
N GLU A 323 27.48 6.03 -6.90
CA GLU A 323 27.11 6.05 -8.32
C GLU A 323 25.86 5.18 -8.54
N LEU A 324 25.76 4.11 -7.76
CA LEU A 324 24.63 3.17 -7.86
C LEU A 324 23.31 3.86 -7.61
N LEU A 325 23.32 4.90 -6.79
CA LEU A 325 22.09 5.63 -6.48
C LEU A 325 21.42 6.31 -7.68
N GLU A 326 22.07 6.29 -8.83
CA GLU A 326 21.47 6.87 -10.04
C GLU A 326 20.51 5.86 -10.66
N ARG A 327 20.80 4.58 -10.41
CA ARG A 327 20.01 3.44 -10.89
C ARG A 327 18.67 3.24 -10.19
N TYR A 328 18.48 3.94 -9.07
CA TYR A 328 17.26 3.86 -8.29
C TYR A 328 15.93 3.85 -9.07
N SER A 329 15.61 4.94 -9.76
CA SER A 329 14.38 5.01 -10.54
C SER A 329 14.16 3.84 -11.51
N ALA A 330 15.15 3.57 -12.36
CA ALA A 330 15.03 2.50 -13.33
C ALA A 330 14.68 1.17 -12.68
N ILE A 331 15.34 0.83 -11.57
CA ILE A 331 15.07 -0.43 -10.86
C ILE A 331 13.62 -0.47 -10.34
N CYS A 332 13.21 0.61 -9.69
CA CYS A 332 11.87 0.72 -9.14
C CYS A 332 10.73 0.78 -10.13
N LEU A 333 10.92 1.50 -11.23
CA LEU A 333 9.86 1.66 -12.22
C LEU A 333 9.46 0.40 -12.95
N ARG A 334 10.37 -0.55 -13.03
CA ARG A 334 10.08 -1.82 -13.70
C ARG A 334 9.01 -2.57 -12.88
N ARG A 335 9.22 -2.62 -11.57
CA ARG A 335 8.28 -3.29 -10.69
C ARG A 335 7.00 -2.48 -10.71
N ILE A 336 7.13 -1.20 -10.44
CA ILE A 336 5.99 -0.28 -10.40
C ILE A 336 5.04 -0.40 -11.58
N TRP A 337 5.56 -0.45 -12.80
CA TRP A 337 4.68 -0.60 -13.96
C TRP A 337 4.00 -1.95 -14.05
N LYS A 338 4.70 -3.01 -13.65
CA LYS A 338 4.10 -4.35 -13.70
C LYS A 338 2.93 -4.42 -12.71
N ALA A 339 3.13 -3.86 -11.52
CA ALA A 339 2.11 -3.85 -10.47
C ALA A 339 0.95 -2.92 -10.82
N GLU A 340 1.22 -1.81 -11.50
CA GLU A 340 0.19 -0.88 -11.93
C GLU A 340 -0.70 -1.53 -13.00
N ARG A 341 -0.07 -2.36 -13.85
CA ARG A 341 -0.82 -3.07 -14.89
C ARG A 341 -1.71 -4.15 -14.27
N PHE A 342 -1.20 -4.88 -13.28
CA PHE A 342 -2.00 -5.92 -12.61
C PHE A 342 -3.12 -5.30 -11.79
N SER A 343 -2.83 -4.21 -11.07
CA SER A 343 -3.86 -3.54 -10.28
C SER A 343 -4.95 -2.97 -11.18
N TRP A 344 -4.55 -2.49 -12.35
CA TRP A 344 -5.50 -1.95 -13.30
C TRP A 344 -6.40 -3.08 -13.81
N TRP A 345 -5.80 -4.20 -14.21
CA TRP A 345 -6.59 -5.32 -14.69
C TRP A 345 -7.61 -5.76 -13.64
N MET A 346 -7.15 -6.11 -12.45
CA MET A 346 -8.04 -6.54 -11.35
C MET A 346 -9.20 -5.58 -11.21
N THR A 347 -8.89 -4.29 -11.24
CA THR A 347 -9.93 -3.29 -11.12
C THR A 347 -10.96 -3.35 -12.25
N SER A 348 -10.51 -3.50 -13.51
CA SER A 348 -11.42 -3.54 -14.64
C SER A 348 -12.28 -4.80 -14.79
N VAL A 349 -11.86 -5.92 -14.21
CA VAL A 349 -12.69 -7.12 -14.32
C VAL A 349 -13.61 -7.40 -13.13
N LEU A 350 -13.39 -6.72 -12.00
CA LEU A 350 -14.22 -6.90 -10.79
C LEU A 350 -15.19 -5.74 -10.50
N HIS A 351 -14.94 -4.58 -11.10
CA HIS A 351 -15.77 -3.40 -10.92
C HIS A 351 -16.79 -3.15 -12.02
N ARG A 352 -17.90 -2.53 -11.64
CA ARG A 352 -18.96 -2.19 -12.58
C ARG A 352 -18.70 -0.73 -13.00
N PHE A 353 -18.48 -0.49 -14.28
CA PHE A 353 -18.22 0.87 -14.76
C PHE A 353 -19.48 1.51 -15.31
N PRO A 354 -19.65 2.83 -15.11
CA PRO A 354 -20.86 3.47 -15.63
C PRO A 354 -20.72 3.70 -17.14
N ASP A 355 -21.85 3.66 -17.84
CA ASP A 355 -21.89 3.87 -19.28
C ASP A 355 -21.14 2.84 -20.12
N THR A 356 -21.27 1.57 -19.76
CA THR A 356 -20.61 0.50 -20.50
C THR A 356 -21.64 -0.20 -21.40
N ASP A 357 -21.31 -0.36 -22.67
CA ASP A 357 -22.20 -1.02 -23.61
C ASP A 357 -22.18 -2.52 -23.46
N ALA A 358 -23.06 -3.20 -24.17
CA ALA A 358 -23.17 -4.65 -24.11
C ALA A 358 -21.88 -5.45 -24.41
N PHE A 359 -21.15 -5.04 -25.43
CA PHE A 359 -19.95 -5.75 -25.81
C PHE A 359 -18.92 -5.79 -24.66
N SER A 360 -18.66 -4.65 -24.02
CA SER A 360 -17.71 -4.62 -22.90
C SER A 360 -18.16 -5.43 -21.67
N GLN A 361 -19.47 -5.51 -21.45
CA GLN A 361 -20.02 -6.28 -20.34
C GLN A 361 -19.62 -7.73 -20.61
N ARG A 362 -19.95 -8.19 -21.81
CA ARG A 362 -19.64 -9.56 -22.22
C ARG A 362 -18.16 -9.86 -22.15
N ILE A 363 -17.31 -8.89 -22.51
CA ILE A 363 -15.86 -9.11 -22.46
C ILE A 363 -15.38 -9.17 -21.01
N GLN A 364 -15.92 -8.32 -20.13
CA GLN A 364 -15.51 -8.36 -18.73
C GLN A 364 -15.85 -9.71 -18.16
N GLN A 365 -17.05 -10.16 -18.49
CA GLN A 365 -17.55 -11.44 -18.02
C GLN A 365 -16.67 -12.59 -18.54
N THR A 366 -16.33 -12.53 -19.82
CA THR A 366 -15.51 -13.56 -20.46
C THR A 366 -14.06 -13.51 -19.96
N GLU A 367 -13.56 -12.32 -19.63
CA GLU A 367 -12.21 -12.15 -19.11
C GLU A 367 -12.16 -13.01 -17.86
N LEU A 368 -13.17 -12.86 -17.02
CA LEU A 368 -13.26 -13.66 -15.80
C LEU A 368 -13.36 -15.14 -16.13
N GLU A 369 -14.31 -15.51 -17.00
CA GLU A 369 -14.50 -16.91 -17.39
C GLU A 369 -13.24 -17.57 -17.93
N TYR A 370 -12.50 -16.86 -18.79
CA TYR A 370 -11.27 -17.41 -19.34
C TYR A 370 -10.18 -17.50 -18.29
N TYR A 371 -9.89 -16.40 -17.60
CA TYR A 371 -8.83 -16.44 -16.60
C TYR A 371 -9.00 -17.40 -15.42
N LEU A 372 -10.21 -17.54 -14.92
CA LEU A 372 -10.48 -18.45 -13.80
C LEU A 372 -10.67 -19.89 -14.27
N GLY A 373 -10.74 -20.07 -15.58
CA GLY A 373 -10.91 -21.40 -16.16
C GLY A 373 -9.65 -22.01 -16.75
N SER A 374 -8.75 -21.18 -17.26
CA SER A 374 -7.51 -21.67 -17.86
C SER A 374 -6.47 -21.93 -16.78
N GLU A 375 -5.59 -22.91 -16.98
CA GLU A 375 -4.56 -23.15 -15.99
C GLU A 375 -3.47 -22.09 -16.17
N ALA A 376 -3.29 -21.61 -17.39
CA ALA A 376 -2.30 -20.59 -17.66
C ALA A 376 -2.82 -19.27 -17.14
N GLY A 377 -4.11 -19.03 -17.32
CA GLY A 377 -4.73 -17.79 -16.83
C GLY A 377 -4.64 -17.63 -15.32
N LEU A 378 -5.02 -18.67 -14.56
CA LEU A 378 -4.97 -18.66 -13.09
C LEU A 378 -3.57 -18.36 -12.58
N ALA A 379 -2.57 -18.86 -13.30
CA ALA A 379 -1.17 -18.66 -12.94
C ALA A 379 -0.76 -17.19 -13.06
N THR A 380 -1.28 -16.49 -14.07
CA THR A 380 -0.93 -15.08 -14.23
C THR A 380 -1.50 -14.28 -13.06
N ILE A 381 -2.67 -14.69 -12.56
CA ILE A 381 -3.31 -14.02 -11.43
C ILE A 381 -2.49 -14.34 -10.19
N ALA A 382 -2.15 -15.62 -10.02
CA ALA A 382 -1.40 -16.08 -8.87
C ALA A 382 0.01 -15.51 -8.69
N GLU A 383 0.83 -15.58 -9.73
CA GLU A 383 2.20 -15.05 -9.64
C GLU A 383 2.23 -13.55 -9.38
N ASN A 384 1.28 -12.83 -9.97
CA ASN A 384 1.17 -11.38 -9.79
C ASN A 384 0.65 -11.08 -8.39
N TYR A 385 -0.39 -11.82 -7.99
CA TYR A 385 -1.03 -11.66 -6.69
C TYR A 385 -0.09 -11.87 -5.50
N VAL A 386 0.67 -12.97 -5.50
CA VAL A 386 1.62 -13.22 -4.41
C VAL A 386 2.75 -12.23 -4.56
N GLY A 387 2.79 -11.56 -5.71
CA GLY A 387 3.81 -10.57 -5.96
C GLY A 387 4.98 -11.12 -6.72
N LEU A 388 5.34 -10.42 -7.79
CA LEU A 388 6.45 -10.78 -8.62
C LEU A 388 7.75 -10.62 -7.82
N PRO A 389 8.80 -11.38 -8.18
CA PRO A 389 10.07 -11.30 -7.46
C PRO A 389 10.74 -9.90 -7.45
N TYR A 390 11.56 -9.65 -6.43
CA TYR A 390 12.30 -8.40 -6.30
C TYR A 390 13.54 -8.54 -7.19
N GLU A 391 13.89 -7.50 -7.95
CA GLU A 391 15.07 -7.56 -8.79
C GLU A 391 16.33 -7.00 -8.12
PA FAD B . 1.45 6.98 3.91
O1A FAD B . 0.71 5.96 4.69
O2A FAD B . 0.60 8.04 3.33
O5B FAD B . 2.42 7.76 4.91
C5B FAD B . 2.94 9.03 4.52
C4B FAD B . 3.36 9.85 5.70
O4B FAD B . 3.62 11.18 5.26
C3B FAD B . 2.16 10.09 6.59
O3B FAD B . 2.65 9.71 7.87
C2B FAD B . 1.95 11.60 6.52
O2B FAD B . 1.32 12.09 7.68
C1B FAD B . 3.34 12.10 6.32
N9A FAD B . 3.33 13.46 5.81
C8A FAD B . 2.57 13.90 4.76
N7A FAD B . 2.91 15.09 4.33
C5A FAD B . 3.95 15.52 5.18
C6A FAD B . 4.82 16.61 5.15
N6A FAD B . 4.82 17.53 4.19
N1A FAD B . 5.74 16.70 6.12
C2A FAD B . 5.82 15.76 7.03
N3A FAD B . 5.13 14.63 7.10
C4A FAD B . 4.21 14.52 6.10
N1 FAD B . -4.14 0.27 0.26
C2 FAD B . -4.89 -0.86 0.47
O2 FAD B . -4.48 -1.97 0.16
N3 FAD B . -6.21 -0.71 0.95
C4 FAD B . -6.79 0.50 1.17
O4 FAD B . -7.97 0.62 1.49
C4X FAD B . -5.90 1.65 1.05
N5 FAD B . -6.32 2.76 1.41
C5X FAD B . -5.64 3.81 1.19
C6 FAD B . -6.24 5.07 1.40
C7 FAD B . -5.54 6.20 1.18
C7M FAD B . -6.32 7.51 1.43
C8 FAD B . -4.17 6.14 0.73
C8M FAD B . -3.37 7.38 0.47
C9 FAD B . -3.61 4.93 0.55
C9A FAD B . -4.30 3.72 0.78
N10 FAD B . -3.82 2.50 0.56
C10 FAD B . -4.60 1.47 0.57
C1' FAD B . -2.37 2.39 0.09
C2' FAD B . -1.55 2.19 1.34
O2' FAD B . -2.28 2.50 2.59
C3' FAD B . -0.38 3.02 0.99
O3' FAD B . 0.18 2.50 -0.25
C4' FAD B . 0.64 3.11 2.10
O4' FAD B . 0.05 3.64 3.28
C5' FAD B . 1.65 4.16 1.74
O5' FAD B . 2.75 4.23 2.64
P FAD B . 3.58 5.54 2.59
O1P FAD B . 4.13 5.60 1.21
O2P FAD B . 4.55 5.48 3.72
O3P FAD B . 2.47 6.65 2.77
C1' BHA C . -7.87 -5.36 3.29
O1' BHA C . -8.01 -4.25 3.83
O2' BHA C . -7.93 -6.42 3.95
C1 BHA C . -7.62 -5.50 1.91
C2 BHA C . -7.74 -4.35 1.10
C3 BHA C . -7.68 -4.42 -0.27
C4 BHA C . -7.48 -5.65 -0.90
C5 BHA C . -7.34 -6.83 -0.12
C6 BHA C . -7.42 -6.74 1.26
O2 BHA C . -7.84 -3.13 1.53
N4 BHA C . -7.46 -5.65 -2.24
#